data_6H4Z
#
_entry.id   6H4Z
#
_cell.length_a   144.480
_cell.length_b   144.480
_cell.length_c   154.350
_cell.angle_alpha   90.00
_cell.angle_beta   90.00
_cell.angle_gamma   120.00
#
_symmetry.space_group_name_H-M   'P 65 2 2'
#
loop_
_entity.id
_entity.type
_entity.pdbx_description
1 polymer 'Lysine-specific demethylase 5B,Lysine-specific demethylase 5B'
2 non-polymer 'ZINC ION'
3 non-polymer 'MANGANESE (II) ION'
4 non-polymer 8-[4-[2-[4-(3-chlorophenyl)piperidin-1-yl]ethyl]pyrazol-1-yl]-3~{H}-pyrido[3,4-d]pyrimidin-4-one
5 non-polymer 'DIMETHYL SULFOXIDE'
6 non-polymer 1,2-ETHANEDIOL
7 water water
#
_entity_poly.entity_id   1
_entity_poly.type   'polypeptide(L)'
_entity_poly.pdbx_seq_one_letter_code
;SMFLPPPECPVFEPSWEEFADPFAFIHKIRPIAEQTGICKVRPPPDWQPPFACDVDKLHFTPRIQRLNELEAQTRVKLGG
GGARDYTLRTFGEMADAFKSDYFNMPVHMVPTELVEKEFWRLVSTIEEDVTVEYGADIASKEFGSGFPVRDGKIKLSPEE
EEYLDSGWNLNNMPVMEQSVLAHITADICGMKLPWLYVGMCFSSFCWHIEDHWSYSINYLHWGEPKTWYGVPGYAAEQLE
NVMKKLAPELFVSQPDLLHQLVTIMNPNTLMTHEVPVYRTNQCAGEFVITFPRAYHSGFNQGFNFAEAVNFCTVDWLPLG
RQCVEHYRLLHRYCVFSHDEMICKMASKADVLDVVVASTVQKDMAIMIEDEKALRETVRKLGVIDSERMDFELLPDDERQ
CVKCKTTCFMSAISCSCKPGLLVCLHHVKELCSCPPYKYKLRYRYTLDDLYPMMNALKLRAESYNEWALNVNEALEAKIN
K
;
_entity_poly.pdbx_strand_id   A
#
loop_
_chem_comp.id
_chem_comp.type
_chem_comp.name
_chem_comp.formula
DMS non-polymer 'DIMETHYL SULFOXIDE' 'C2 H6 O S'
EDO non-polymer 1,2-ETHANEDIOL 'C2 H6 O2'
FQ5 non-polymer 8-[4-[2-[4-(3-chlorophenyl)piperidin-1-yl]ethyl]pyrazol-1-yl]-3~{H}-pyrido[3,4-d]pyrimidin-4-one 'C23 H23 Cl N6 O'
MN non-polymer 'MANGANESE (II) ION' 'Mn 2'
ZN non-polymer 'ZINC ION' 'Zn 2'
#
# COMPACT_ATOMS: atom_id res chain seq x y z
N SER A 1 -17.32 -26.12 -16.47
CA SER A 1 -16.31 -25.17 -16.02
C SER A 1 -15.22 -24.97 -17.07
N MET A 2 -14.89 -23.70 -17.38
CA MET A 2 -13.90 -23.29 -18.38
C MET A 2 -13.08 -22.07 -17.89
N PHE A 3 -11.78 -22.25 -17.67
CA PHE A 3 -10.87 -21.17 -17.24
C PHE A 3 -9.70 -21.09 -18.20
N LEU A 4 -9.47 -19.91 -18.79
CA LEU A 4 -8.36 -19.70 -19.71
C LEU A 4 -7.30 -18.87 -18.97
N PRO A 5 -6.21 -19.51 -18.46
CA PRO A 5 -5.23 -18.76 -17.65
C PRO A 5 -4.62 -17.55 -18.34
N PRO A 6 -4.55 -16.37 -17.64
CA PRO A 6 -3.94 -15.17 -18.25
C PRO A 6 -2.45 -15.41 -18.61
N PRO A 7 -1.82 -14.65 -19.53
CA PRO A 7 -0.38 -14.88 -19.82
C PRO A 7 0.50 -14.63 -18.58
N GLU A 8 1.70 -15.23 -18.56
CA GLU A 8 2.64 -15.08 -17.43
C GLU A 8 3.24 -13.67 -17.29
N CYS A 9 3.42 -13.18 -16.05
CA CYS A 9 4.05 -11.90 -15.78
C CYS A 9 5.61 -12.03 -15.94
N PRO A 10 6.40 -10.93 -16.05
CA PRO A 10 7.87 -11.08 -16.19
C PRO A 10 8.56 -11.67 -14.95
N VAL A 11 9.59 -12.50 -15.17
CA VAL A 11 10.41 -13.13 -14.13
C VAL A 11 11.85 -12.66 -14.32
N PHE A 12 12.45 -12.11 -13.25
CA PHE A 12 13.81 -11.60 -13.30
C PHE A 12 14.76 -12.44 -12.45
N GLU A 13 15.99 -12.63 -12.98
CA GLU A 13 17.04 -13.37 -12.30
C GLU A 13 18.31 -12.50 -12.19
N PRO A 14 18.33 -11.51 -11.25
CA PRO A 14 19.51 -10.64 -11.13
C PRO A 14 20.78 -11.34 -10.61
N SER A 15 21.94 -10.81 -11.01
CA SER A 15 23.26 -11.27 -10.56
C SER A 15 23.52 -10.62 -9.20
N TRP A 16 24.57 -11.05 -8.48
CA TRP A 16 24.94 -10.48 -7.19
C TRP A 16 25.15 -8.96 -7.24
N GLU A 17 25.80 -8.46 -8.31
CA GLU A 17 26.06 -7.04 -8.52
C GLU A 17 24.77 -6.24 -8.69
N GLU A 18 23.80 -6.81 -9.46
CA GLU A 18 22.48 -6.23 -9.71
C GLU A 18 21.66 -6.23 -8.42
N PHE A 19 21.64 -7.39 -7.71
CA PHE A 19 20.90 -7.63 -6.46
C PHE A 19 21.35 -6.72 -5.31
N ALA A 20 22.65 -6.39 -5.26
CA ALA A 20 23.30 -5.54 -4.25
C ALA A 20 22.54 -4.29 -3.84
N ASP A 21 21.85 -3.63 -4.79
CA ASP A 21 21.07 -2.42 -4.53
C ASP A 21 19.61 -2.64 -4.97
N PRO A 22 18.66 -2.87 -4.02
CA PRO A 22 17.26 -3.11 -4.42
C PRO A 22 16.60 -1.96 -5.18
N PHE A 23 16.90 -0.70 -4.80
CA PHE A 23 16.34 0.51 -5.41
C PHE A 23 16.85 0.77 -6.84
N ALA A 24 18.16 0.50 -7.10
CA ALA A 24 18.74 0.66 -8.44
C ALA A 24 18.18 -0.41 -9.39
N PHE A 25 17.97 -1.64 -8.87
CA PHE A 25 17.41 -2.75 -9.65
C PHE A 25 15.92 -2.55 -10.01
N ILE A 26 15.11 -2.01 -9.07
CA ILE A 26 13.68 -1.73 -9.27
C ILE A 26 13.51 -0.63 -10.37
N HIS A 27 14.45 0.36 -10.41
CA HIS A 27 14.47 1.42 -11.41
C HIS A 27 14.83 0.87 -12.81
N LYS A 28 15.74 -0.12 -12.87
CA LYS A 28 16.18 -0.77 -14.11
C LYS A 28 15.05 -1.61 -14.76
N ILE A 29 14.33 -2.40 -13.96
CA ILE A 29 13.23 -3.28 -14.45
C ILE A 29 11.92 -2.52 -14.74
N ARG A 30 11.77 -1.31 -14.17
CA ARG A 30 10.61 -0.42 -14.27
C ARG A 30 9.98 -0.31 -15.69
N PRO A 31 10.72 -0.05 -16.82
CA PRO A 31 10.06 0.06 -18.12
C PRO A 31 9.28 -1.18 -18.58
N ILE A 32 9.73 -2.40 -18.20
CA ILE A 32 9.06 -3.66 -18.55
C ILE A 32 7.92 -3.93 -17.55
N ALA A 33 8.25 -3.97 -16.25
CA ALA A 33 7.38 -4.30 -15.13
C ALA A 33 6.14 -3.39 -14.95
N GLU A 34 6.24 -2.10 -15.31
CA GLU A 34 5.11 -1.18 -15.17
C GLU A 34 4.01 -1.43 -16.24
N GLN A 35 4.34 -2.20 -17.29
CA GLN A 35 3.43 -2.57 -18.39
C GLN A 35 2.59 -3.81 -18.02
N THR A 36 2.96 -4.52 -16.94
CA THR A 36 2.29 -5.73 -16.47
C THR A 36 1.69 -5.59 -15.05
N GLY A 37 2.08 -4.55 -14.32
CA GLY A 37 1.59 -4.27 -12.97
C GLY A 37 2.33 -5.00 -11.87
N ILE A 38 2.56 -6.31 -12.05
CA ILE A 38 3.30 -7.20 -11.14
C ILE A 38 4.50 -7.83 -11.86
N CYS A 39 5.51 -8.24 -11.09
CA CYS A 39 6.68 -8.95 -11.58
C CYS A 39 7.24 -9.85 -10.47
N LYS A 40 8.00 -10.87 -10.85
CA LYS A 40 8.60 -11.81 -9.94
C LYS A 40 10.13 -11.65 -9.94
N VAL A 41 10.76 -11.71 -8.76
CA VAL A 41 12.22 -11.61 -8.62
C VAL A 41 12.79 -12.84 -7.92
N ARG A 42 13.65 -13.59 -8.62
CA ARG A 42 14.35 -14.76 -8.08
C ARG A 42 15.74 -14.30 -7.59
N PRO A 43 15.99 -14.28 -6.26
CA PRO A 43 17.31 -13.84 -5.77
C PRO A 43 18.46 -14.78 -6.19
N PRO A 44 19.76 -14.34 -6.11
CA PRO A 44 20.88 -15.27 -6.43
C PRO A 44 20.78 -16.59 -5.67
N PRO A 45 21.23 -17.74 -6.27
CA PRO A 45 21.05 -19.05 -5.60
C PRO A 45 21.52 -19.17 -4.14
N ASP A 46 22.64 -18.49 -3.80
CA ASP A 46 23.26 -18.49 -2.48
C ASP A 46 22.67 -17.45 -1.47
N TRP A 47 21.72 -16.58 -1.90
CA TRP A 47 21.06 -15.64 -0.97
C TRP A 47 19.94 -16.44 -0.31
N GLN A 48 20.16 -16.87 0.94
CA GLN A 48 19.19 -17.70 1.65
C GLN A 48 19.03 -17.27 3.11
N PRO A 49 18.12 -16.30 3.40
CA PRO A 49 17.96 -15.85 4.80
C PRO A 49 17.48 -16.96 5.72
N PRO A 50 17.92 -17.02 6.98
CA PRO A 50 17.49 -18.12 7.85
C PRO A 50 16.12 -17.92 8.48
N PHE A 51 15.20 -18.86 8.21
CA PHE A 51 13.88 -18.87 8.83
C PHE A 51 13.86 -19.93 9.93
N ALA A 52 13.64 -19.49 11.17
CA ALA A 52 13.57 -20.35 12.34
C ALA A 52 12.55 -19.78 13.34
N CYS A 53 11.64 -20.65 13.83
CA CYS A 53 10.60 -20.30 14.79
C CYS A 53 10.01 -21.52 15.50
N ASP A 54 9.46 -21.29 16.72
CA ASP A 54 8.76 -22.30 17.52
C ASP A 54 7.26 -22.16 17.20
N VAL A 55 6.68 -23.22 16.60
CA VAL A 55 5.29 -23.31 16.14
C VAL A 55 4.23 -23.31 17.26
N ASP A 56 4.66 -23.57 18.51
CA ASP A 56 3.79 -23.65 19.69
C ASP A 56 3.67 -22.33 20.47
N LYS A 57 4.65 -21.42 20.30
CA LYS A 57 4.70 -20.13 20.98
C LYS A 57 4.12 -18.97 20.13
N LEU A 58 3.86 -19.22 18.83
CA LEU A 58 3.28 -18.26 17.90
C LEU A 58 1.75 -18.45 17.80
N HIS A 59 0.97 -17.47 18.33
N HIS A 59 0.97 -17.48 18.30
CA HIS A 59 -0.50 -17.48 18.37
CA HIS A 59 -0.50 -17.56 18.27
C HIS A 59 -1.11 -16.37 17.49
C HIS A 59 -1.16 -16.36 17.57
N PHE A 60 -2.35 -16.60 16.97
CA PHE A 60 -3.15 -15.61 16.21
C PHE A 60 -4.61 -16.03 16.09
N THR A 61 -5.51 -15.06 15.87
CA THR A 61 -6.94 -15.29 15.65
C THR A 61 -7.20 -15.02 14.14
N PRO A 62 -7.63 -16.00 13.32
CA PRO A 62 -7.81 -15.73 11.89
C PRO A 62 -9.18 -15.19 11.49
N ARG A 63 -9.28 -14.66 10.26
CA ARG A 63 -10.50 -14.13 9.65
C ARG A 63 -11.20 -15.28 8.89
N ILE A 64 -12.55 -15.37 9.01
CA ILE A 64 -13.36 -16.38 8.32
C ILE A 64 -13.73 -15.83 6.93
N GLN A 65 -13.52 -16.62 5.87
CA GLN A 65 -13.80 -16.20 4.49
C GLN A 65 -14.82 -17.08 3.79
N ARG A 66 -15.90 -16.45 3.26
CA ARG A 66 -16.95 -17.06 2.44
C ARG A 66 -16.45 -16.88 1.00
N LEU A 67 -16.36 -17.97 0.22
N LEU A 67 -16.37 -17.96 0.22
CA LEU A 67 -15.88 -17.93 -1.16
CA LEU A 67 -15.84 -17.90 -1.15
C LEU A 67 -17.00 -17.67 -2.16
C LEU A 67 -16.93 -17.67 -2.21
N ASN A 68 -17.32 -16.38 -2.40
CA ASN A 68 -18.36 -15.95 -3.34
C ASN A 68 -17.92 -14.77 -4.19
N GLU A 69 -17.97 -14.95 -5.51
CA GLU A 69 -17.61 -13.96 -6.52
C GLU A 69 -18.62 -12.79 -6.50
N LEU A 70 -18.10 -11.54 -6.62
CA LEU A 70 -18.86 -10.27 -6.63
C LEU A 70 -19.56 -9.94 -5.29
N GLU A 71 -19.39 -10.78 -4.25
CA GLU A 71 -19.93 -10.56 -2.91
C GLU A 71 -19.01 -9.57 -2.18
N ALA A 72 -19.59 -8.49 -1.63
CA ALA A 72 -18.87 -7.44 -0.91
C ALA A 72 -18.12 -7.96 0.32
N GLN A 73 -16.90 -7.46 0.52
CA GLN A 73 -16.02 -7.81 1.63
C GLN A 73 -15.35 -6.55 2.18
N THR A 74 -15.07 -6.54 3.49
CA THR A 74 -14.40 -5.41 4.17
C THR A 74 -12.88 -5.62 4.13
N ARG A 75 -12.13 -4.55 3.81
CA ARG A 75 -10.66 -4.55 3.71
C ARG A 75 -9.97 -4.81 5.06
N VAL A 76 -10.58 -4.34 6.17
CA VAL A 76 -10.09 -4.52 7.53
C VAL A 76 -11.12 -5.24 8.43
N LYS A 77 -10.70 -6.35 9.07
CA LYS A 77 -11.54 -7.17 9.95
N ALA A 83 -15.13 -17.58 15.59
CA ALA A 83 -13.68 -17.57 15.38
C ALA A 83 -12.89 -17.94 16.66
N ARG A 84 -11.85 -18.78 16.50
CA ARG A 84 -11.02 -19.23 17.63
C ARG A 84 -9.54 -18.83 17.48
N ASP A 85 -8.72 -19.08 18.53
CA ASP A 85 -7.29 -18.82 18.55
C ASP A 85 -6.53 -20.08 18.09
N TYR A 86 -5.53 -19.89 17.23
CA TYR A 86 -4.69 -20.97 16.68
C TYR A 86 -3.22 -20.68 16.98
N THR A 87 -2.42 -21.75 17.12
CA THR A 87 -0.96 -21.61 17.14
C THR A 87 -0.58 -21.86 15.67
N LEU A 88 0.67 -21.57 15.30
CA LEU A 88 1.12 -21.86 13.93
C LEU A 88 1.00 -23.38 13.66
N ARG A 89 1.23 -24.23 14.69
CA ARG A 89 1.09 -25.69 14.60
C ARG A 89 -0.37 -26.15 14.36
N THR A 90 -1.33 -25.69 15.20
CA THR A 90 -2.74 -26.09 15.09
C THR A 90 -3.38 -25.56 13.80
N PHE A 91 -2.95 -24.38 13.31
CA PHE A 91 -3.45 -23.83 12.04
C PHE A 91 -2.98 -24.72 10.88
N GLY A 92 -1.70 -25.15 10.94
CA GLY A 92 -1.09 -26.01 9.95
C GLY A 92 -1.74 -27.38 9.85
N GLU A 93 -2.11 -27.97 11.00
CA GLU A 93 -2.78 -29.27 11.10
C GLU A 93 -4.18 -29.19 10.45
N MET A 94 -4.94 -28.11 10.75
CA MET A 94 -6.26 -27.82 10.19
C MET A 94 -6.15 -27.58 8.67
N ALA A 95 -5.17 -26.77 8.24
CA ALA A 95 -4.94 -26.42 6.83
C ALA A 95 -4.64 -27.64 5.95
N ASP A 96 -3.77 -28.56 6.44
CA ASP A 96 -3.37 -29.79 5.76
C ASP A 96 -4.50 -30.80 5.69
N ALA A 97 -5.27 -30.96 6.79
CA ALA A 97 -6.42 -31.85 6.85
C ALA A 97 -7.49 -31.39 5.84
N PHE A 98 -7.77 -30.06 5.77
CA PHE A 98 -8.75 -29.49 4.83
C PHE A 98 -8.42 -29.84 3.37
N LYS A 99 -7.18 -29.49 2.90
CA LYS A 99 -6.72 -29.73 1.52
C LYS A 99 -6.78 -31.21 1.13
N SER A 100 -6.22 -32.11 1.98
CA SER A 100 -6.19 -33.54 1.69
C SER A 100 -7.59 -34.19 1.69
N ASP A 101 -8.54 -33.66 2.49
CA ASP A 101 -9.91 -34.17 2.55
C ASP A 101 -10.75 -33.66 1.38
N TYR A 102 -10.46 -32.44 0.90
CA TYR A 102 -11.14 -31.78 -0.22
C TYR A 102 -10.87 -32.54 -1.52
N PHE A 103 -9.61 -32.98 -1.71
CA PHE A 103 -9.16 -33.65 -2.93
C PHE A 103 -9.01 -35.16 -2.81
N ASN A 104 -9.02 -35.72 -1.57
CA ASN A 104 -8.77 -37.15 -1.28
C ASN A 104 -7.43 -37.59 -1.90
N MET A 105 -6.40 -36.77 -1.68
CA MET A 105 -5.05 -36.95 -2.20
C MET A 105 -4.02 -36.46 -1.18
N PRO A 106 -2.76 -36.98 -1.20
CA PRO A 106 -1.72 -36.39 -0.33
C PRO A 106 -1.54 -34.91 -0.68
N VAL A 107 -1.51 -34.02 0.34
CA VAL A 107 -1.43 -32.54 0.27
C VAL A 107 -0.49 -31.98 -0.83
N HIS A 108 0.68 -32.61 -1.02
CA HIS A 108 1.75 -32.24 -1.95
C HIS A 108 1.57 -32.76 -3.39
N MET A 109 0.59 -33.65 -3.62
CA MET A 109 0.36 -34.22 -4.96
C MET A 109 -0.72 -33.50 -5.77
N VAL A 110 -1.37 -32.48 -5.19
CA VAL A 110 -2.42 -31.72 -5.89
C VAL A 110 -1.79 -30.72 -6.90
N PRO A 111 -2.04 -30.91 -8.24
CA PRO A 111 -1.46 -29.97 -9.23
C PRO A 111 -1.95 -28.51 -9.08
N THR A 112 -1.07 -27.51 -9.31
CA THR A 112 -1.42 -26.09 -9.16
C THR A 112 -2.51 -25.62 -10.14
N GLU A 113 -2.51 -26.18 -11.37
CA GLU A 113 -3.46 -25.89 -12.44
C GLU A 113 -4.88 -26.29 -12.00
N LEU A 114 -4.98 -27.40 -11.25
CA LEU A 114 -6.23 -27.94 -10.70
C LEU A 114 -6.78 -27.05 -9.59
N VAL A 115 -5.94 -26.66 -8.60
CA VAL A 115 -6.35 -25.76 -7.49
C VAL A 115 -6.90 -24.44 -8.05
N GLU A 116 -6.22 -23.87 -9.08
CA GLU A 116 -6.61 -22.61 -9.77
C GLU A 116 -7.99 -22.73 -10.44
N LYS A 117 -8.22 -23.78 -11.27
CA LYS A 117 -9.51 -23.98 -11.95
C LYS A 117 -10.65 -24.30 -10.96
N GLU A 118 -10.31 -25.01 -9.86
CA GLU A 118 -11.26 -25.35 -8.79
C GLU A 118 -11.66 -24.12 -8.01
N PHE A 119 -10.71 -23.19 -7.76
CA PHE A 119 -10.98 -21.93 -7.04
C PHE A 119 -12.03 -21.11 -7.80
N TRP A 120 -11.85 -20.93 -9.12
CA TRP A 120 -12.76 -20.14 -9.95
C TRP A 120 -14.13 -20.79 -10.15
N ARG A 121 -14.22 -22.13 -10.10
CA ARG A 121 -15.48 -22.85 -10.21
C ARG A 121 -16.30 -22.64 -8.92
N LEU A 122 -15.66 -22.84 -7.76
CA LEU A 122 -16.26 -22.77 -6.43
C LEU A 122 -16.79 -21.34 -6.07
N VAL A 123 -16.10 -20.25 -6.51
CA VAL A 123 -16.53 -18.86 -6.22
C VAL A 123 -17.77 -18.45 -7.05
N SER A 124 -17.98 -19.10 -8.21
CA SER A 124 -19.11 -18.83 -9.10
C SER A 124 -20.32 -19.76 -8.88
N THR A 125 -20.16 -20.89 -8.17
CA THR A 125 -21.24 -21.84 -7.89
C THR A 125 -22.07 -21.41 -6.65
N ILE A 126 -23.37 -21.17 -6.84
CA ILE A 126 -24.33 -20.76 -5.81
C ILE A 126 -24.56 -21.87 -4.75
N GLU A 127 -24.71 -23.12 -5.21
CA GLU A 127 -24.98 -24.30 -4.38
C GLU A 127 -23.77 -24.77 -3.53
N GLU A 128 -22.59 -24.15 -3.71
CA GLU A 128 -21.39 -24.46 -2.93
C GLU A 128 -21.21 -23.37 -1.86
N ASP A 129 -21.07 -23.79 -0.58
CA ASP A 129 -20.87 -22.87 0.55
C ASP A 129 -19.59 -23.21 1.35
N VAL A 130 -18.45 -23.16 0.64
CA VAL A 130 -17.11 -23.46 1.17
C VAL A 130 -16.57 -22.26 1.96
N THR A 131 -16.18 -22.49 3.23
CA THR A 131 -15.59 -21.46 4.08
C THR A 131 -14.17 -21.85 4.52
N VAL A 132 -13.25 -20.87 4.48
CA VAL A 132 -11.84 -21.05 4.90
C VAL A 132 -11.43 -19.99 5.95
N GLU A 133 -10.19 -20.09 6.48
CA GLU A 133 -9.63 -19.16 7.46
C GLU A 133 -8.27 -18.62 6.99
N TYR A 134 -7.97 -17.35 7.31
CA TYR A 134 -6.74 -16.67 6.90
C TYR A 134 -6.15 -15.85 8.07
N GLY A 135 -4.88 -16.09 8.37
CA GLY A 135 -4.11 -15.32 9.36
C GLY A 135 -3.58 -14.12 8.62
N ALA A 136 -4.43 -13.12 8.43
CA ALA A 136 -4.13 -11.95 7.62
C ALA A 136 -3.85 -10.71 8.44
N ASP A 137 -2.99 -9.85 7.87
CA ASP A 137 -2.57 -8.56 8.42
C ASP A 137 -2.15 -8.68 9.90
N ILE A 138 -1.32 -9.69 10.19
CA ILE A 138 -0.75 -9.89 11.52
C ILE A 138 0.42 -8.88 11.59
N ALA A 139 0.43 -8.02 12.62
CA ALA A 139 1.46 -6.98 12.81
C ALA A 139 2.80 -7.58 13.18
N SER A 140 3.89 -7.09 12.56
CA SER A 140 5.25 -7.54 12.85
C SER A 140 5.73 -7.12 14.25
N LYS A 141 5.11 -6.08 14.84
CA LYS A 141 5.45 -5.55 16.16
C LYS A 141 5.26 -6.58 17.29
N GLU A 142 4.14 -7.34 17.24
CA GLU A 142 3.81 -8.35 18.25
C GLU A 142 4.32 -9.75 17.87
N PHE A 143 3.93 -10.24 16.67
CA PHE A 143 4.29 -11.56 16.14
C PHE A 143 5.76 -11.74 15.77
N GLY A 144 6.43 -10.66 15.39
CA GLY A 144 7.84 -10.68 15.01
C GLY A 144 8.04 -10.98 13.53
N SER A 145 9.07 -10.36 12.93
CA SER A 145 9.44 -10.52 11.53
C SER A 145 10.00 -11.93 11.23
N GLY A 146 9.82 -12.37 9.98
CA GLY A 146 10.37 -13.62 9.48
C GLY A 146 11.86 -13.50 9.18
N PHE A 147 12.32 -12.23 9.01
CA PHE A 147 13.72 -11.86 8.77
C PHE A 147 14.44 -11.52 10.08
N PRO A 148 15.81 -11.67 10.15
CA PRO A 148 16.53 -11.29 11.37
C PRO A 148 16.44 -9.81 11.73
N VAL A 149 16.31 -9.52 13.04
CA VAL A 149 16.22 -8.17 13.62
C VAL A 149 17.13 -8.04 14.84
N ARG A 150 17.67 -6.83 15.08
CA ARG A 150 18.54 -6.56 16.22
C ARG A 150 17.73 -6.56 17.53
N ASP A 151 18.17 -7.36 18.52
CA ASP A 151 17.52 -7.53 19.83
C ASP A 151 18.58 -7.58 20.94
N GLY A 152 18.30 -6.88 22.05
CA GLY A 152 19.19 -6.83 23.20
C GLY A 152 18.86 -7.88 24.24
CA ILE A 154 19.02 -12.05 22.39
C ILE A 154 20.29 -12.00 21.54
N LYS A 155 21.04 -13.12 21.51
CA LYS A 155 22.29 -13.26 20.73
C LYS A 155 22.00 -13.93 19.38
N LEU A 156 22.44 -13.28 18.28
CA LEU A 156 22.27 -13.75 16.90
C LEU A 156 23.51 -14.50 16.37
N SER A 157 23.30 -15.46 15.46
CA SER A 157 24.34 -16.27 14.83
C SER A 157 24.95 -15.57 13.60
N PRO A 158 26.21 -15.87 13.18
CA PRO A 158 26.78 -15.21 11.98
C PRO A 158 25.92 -15.28 10.72
N GLU A 159 25.12 -16.37 10.57
CA GLU A 159 24.19 -16.59 9.45
C GLU A 159 23.07 -15.54 9.47
N GLU A 160 22.65 -15.10 10.67
CA GLU A 160 21.61 -14.07 10.82
C GLU A 160 22.22 -12.67 10.68
N GLU A 161 23.53 -12.51 11.02
CA GLU A 161 24.28 -11.24 10.98
C GLU A 161 24.39 -10.64 9.58
N GLU A 162 24.71 -11.46 8.57
CA GLU A 162 24.83 -11.08 7.16
C GLU A 162 23.51 -10.60 6.54
N TYR A 163 22.37 -11.10 7.04
CA TYR A 163 21.04 -10.74 6.55
C TYR A 163 20.38 -9.60 7.35
N LEU A 164 21.05 -9.11 8.41
CA LEU A 164 20.52 -8.02 9.25
C LEU A 164 20.47 -6.69 8.53
N ASP A 165 21.52 -6.39 7.74
CA ASP A 165 21.68 -5.12 7.05
C ASP A 165 21.29 -5.13 5.57
N SER A 166 20.88 -6.30 5.03
CA SER A 166 20.45 -6.43 3.63
C SER A 166 19.27 -5.50 3.29
N GLY A 167 19.30 -4.93 2.09
CA GLY A 167 18.25 -4.06 1.57
C GLY A 167 16.97 -4.84 1.31
N TRP A 168 17.10 -6.17 1.03
CA TRP A 168 15.99 -7.10 0.76
C TRP A 168 15.37 -7.68 2.03
N ASN A 169 15.93 -7.37 3.22
CA ASN A 169 15.34 -7.71 4.52
C ASN A 169 14.25 -6.63 4.61
N LEU A 170 12.96 -7.04 4.61
CA LEU A 170 11.83 -6.11 4.53
C LEU A 170 11.70 -5.12 5.73
N ASN A 171 12.43 -5.35 6.84
CA ASN A 171 12.47 -4.42 7.97
C ASN A 171 13.29 -3.15 7.63
N ASN A 172 14.30 -3.28 6.75
CA ASN A 172 15.21 -2.19 6.36
C ASN A 172 14.70 -1.32 5.20
N MET A 173 14.16 -1.95 4.13
CA MET A 173 13.63 -1.32 2.91
C MET A 173 12.89 0.03 3.17
N PRO A 174 11.93 0.15 4.13
CA PRO A 174 11.24 1.44 4.33
C PRO A 174 12.06 2.54 4.97
N VAL A 175 13.08 2.20 5.79
CA VAL A 175 13.89 3.21 6.51
C VAL A 175 15.21 3.55 5.79
N MET A 176 15.39 3.08 4.53
CA MET A 176 16.60 3.39 3.74
C MET A 176 16.48 4.82 3.15
N GLU A 177 17.63 5.44 2.78
CA GLU A 177 17.65 6.82 2.26
C GLU A 177 16.98 7.00 0.88
N GLN A 178 16.74 5.89 0.15
CA GLN A 178 16.10 5.90 -1.18
C GLN A 178 14.55 5.87 -1.10
N SER A 179 14.00 5.55 0.08
CA SER A 179 12.56 5.58 0.37
C SER A 179 12.20 7.01 0.82
N VAL A 180 11.03 7.53 0.39
CA VAL A 180 10.64 8.89 0.79
C VAL A 180 9.76 8.85 2.06
N LEU A 181 9.14 7.69 2.32
CA LEU A 181 8.29 7.40 3.49
C LEU A 181 9.09 7.35 4.80
N ALA A 182 10.43 7.13 4.69
CA ALA A 182 11.41 7.03 5.77
C ALA A 182 11.51 8.27 6.62
N HIS A 183 11.36 9.44 5.98
N HIS A 183 11.38 9.46 6.00
CA HIS A 183 11.46 10.76 6.58
CA HIS A 183 11.50 10.75 6.68
C HIS A 183 10.22 11.21 7.35
C HIS A 183 10.21 11.19 7.39
N ILE A 184 9.05 10.56 7.11
CA ILE A 184 7.77 10.87 7.78
C ILE A 184 7.88 10.54 9.28
N THR A 185 7.67 11.57 10.13
CA THR A 185 7.76 11.50 11.60
C THR A 185 6.56 10.76 12.21
N ALA A 186 5.33 11.03 11.70
CA ALA A 186 4.08 10.41 12.16
C ALA A 186 4.08 8.89 12.04
N ASP A 187 3.57 8.19 13.08
CA ASP A 187 3.50 6.74 13.09
C ASP A 187 2.28 6.32 12.28
N ILE A 188 2.48 6.15 10.98
N ILE A 188 2.45 6.24 10.97
CA ILE A 188 1.43 5.73 10.05
CA ILE A 188 1.42 5.81 10.05
C ILE A 188 1.16 4.25 10.29
C ILE A 188 1.06 4.33 10.30
N CYS A 189 0.04 3.76 9.76
N CYS A 189 2.10 3.55 10.63
CA CYS A 189 -0.37 2.38 10.03
CA CYS A 189 2.04 2.10 10.95
C CYS A 189 0.35 1.32 9.22
C CYS A 189 1.81 1.14 9.77
N GLY A 190 1.61 1.08 9.57
N GLY A 190 0.76 1.37 9.00
CA GLY A 190 2.40 0.06 8.92
CA GLY A 190 0.47 0.51 7.88
C GLY A 190 2.80 0.31 7.49
C GLY A 190 1.20 0.69 6.56
N MET A 191 2.72 1.55 7.02
N MET A 191 2.15 1.63 6.55
CA MET A 191 3.16 1.80 5.67
CA MET A 191 3.15 1.82 5.50
C MET A 191 4.67 1.69 5.68
C MET A 191 4.69 1.77 5.68
N LYS A 192 5.20 1.67 6.90
CA LYS A 192 6.65 1.55 7.14
C LYS A 192 6.97 0.22 7.85
N LEU A 193 5.94 -0.45 8.43
CA LEU A 193 6.09 -1.69 9.17
C LEU A 193 5.63 -2.92 8.38
N PRO A 194 6.37 -4.06 8.46
CA PRO A 194 5.94 -5.25 7.71
C PRO A 194 4.70 -5.96 8.27
N TRP A 195 3.93 -6.57 7.38
CA TRP A 195 2.73 -7.34 7.75
C TRP A 195 2.96 -8.81 7.41
N LEU A 196 2.37 -9.70 8.20
CA LEU A 196 2.51 -11.15 8.07
C LEU A 196 1.22 -11.85 7.67
N TYR A 197 1.32 -12.84 6.75
CA TYR A 197 0.20 -13.61 6.20
C TYR A 197 0.39 -15.13 6.29
N VAL A 198 -0.46 -15.79 7.09
CA VAL A 198 -0.46 -17.26 7.27
C VAL A 198 -1.64 -17.81 6.45
N GLY A 199 -1.32 -18.45 5.32
CA GLY A 199 -2.33 -18.96 4.39
C GLY A 199 -2.63 -20.43 4.46
N MET A 200 -3.76 -20.82 3.83
CA MET A 200 -4.24 -22.18 3.65
C MET A 200 -4.86 -22.29 2.23
N CYS A 201 -5.27 -23.48 1.81
CA CYS A 201 -5.87 -23.65 0.50
C CYS A 201 -7.17 -22.84 0.38
N PHE A 202 -7.22 -22.07 -0.69
CA PHE A 202 -8.33 -21.22 -1.11
C PHE A 202 -8.47 -19.87 -0.40
N SER A 203 -7.61 -19.59 0.58
CA SER A 203 -7.67 -18.32 1.30
C SER A 203 -7.29 -17.23 0.31
N SER A 204 -7.95 -16.08 0.36
CA SER A 204 -7.68 -15.09 -0.68
C SER A 204 -7.67 -13.59 -0.37
N PHE A 205 -7.14 -12.84 -1.32
CA PHE A 205 -7.11 -11.39 -1.26
C PHE A 205 -7.84 -10.81 -2.49
N CYS A 206 -8.78 -9.90 -2.24
CA CYS A 206 -9.60 -9.27 -3.27
C CYS A 206 -8.89 -8.21 -4.11
N TRP A 207 -9.48 -7.87 -5.25
CA TRP A 207 -8.93 -6.84 -6.15
C TRP A 207 -8.76 -5.51 -5.39
N HIS A 208 -7.56 -4.91 -5.44
CA HIS A 208 -7.26 -3.64 -4.75
C HIS A 208 -5.98 -2.99 -5.28
N ILE A 209 -5.76 -1.73 -4.91
CA ILE A 209 -4.53 -0.95 -5.14
C ILE A 209 -4.03 -0.50 -3.76
N GLU A 210 -2.73 -0.19 -3.63
CA GLU A 210 -2.14 0.25 -2.36
C GLU A 210 -2.52 1.69 -2.02
N ASP A 211 -2.52 2.00 -0.71
CA ASP A 211 -2.79 3.35 -0.18
C ASP A 211 -1.76 4.33 -0.77
N HIS A 212 -2.24 5.54 -1.20
CA HIS A 212 -1.45 6.62 -1.81
C HIS A 212 -0.75 6.18 -3.13
N TRP A 213 -1.27 5.11 -3.78
CA TRP A 213 -0.76 4.48 -5.01
C TRP A 213 0.72 4.05 -4.86
N SER A 214 1.10 3.59 -3.65
CA SER A 214 2.47 3.16 -3.35
C SER A 214 2.82 1.80 -3.95
N TYR A 215 4.11 1.46 -3.93
CA TYR A 215 4.61 0.15 -4.36
C TYR A 215 4.40 -0.82 -3.20
N SER A 216 4.52 -2.11 -3.47
CA SER A 216 4.54 -3.13 -2.42
C SER A 216 5.55 -4.22 -2.80
N ILE A 217 6.15 -4.85 -1.80
CA ILE A 217 7.12 -5.94 -1.98
C ILE A 217 6.69 -7.06 -1.02
N ASN A 218 6.49 -8.29 -1.56
N ASN A 218 6.53 -8.27 -1.56
CA ASN A 218 6.03 -9.49 -0.83
CA ASN A 218 6.05 -9.44 -0.81
C ASN A 218 7.05 -10.62 -0.95
C ASN A 218 7.01 -10.63 -0.96
N TYR A 219 7.41 -11.23 0.18
CA TYR A 219 8.33 -12.37 0.23
C TYR A 219 7.65 -13.60 0.82
N LEU A 220 7.74 -14.75 0.13
CA LEU A 220 7.19 -16.02 0.63
C LEU A 220 8.31 -16.78 1.34
N HIS A 221 8.26 -16.81 2.69
CA HIS A 221 9.28 -17.46 3.52
C HIS A 221 9.34 -19.00 3.35
N TRP A 222 8.17 -19.68 3.37
CA TRP A 222 8.03 -21.13 3.25
C TRP A 222 6.61 -21.59 2.92
N GLY A 223 6.48 -22.84 2.51
CA GLY A 223 5.22 -23.50 2.21
C GLY A 223 4.86 -23.56 0.74
N GLU A 224 3.58 -23.90 0.49
CA GLU A 224 2.99 -24.04 -0.85
C GLU A 224 2.82 -22.67 -1.57
N PRO A 225 2.78 -22.66 -2.92
CA PRO A 225 2.78 -21.37 -3.64
C PRO A 225 1.58 -20.44 -3.43
N LYS A 226 1.77 -19.15 -3.78
CA LYS A 226 0.77 -18.10 -3.74
C LYS A 226 0.52 -17.69 -5.20
N THR A 227 -0.74 -17.80 -5.67
CA THR A 227 -1.13 -17.45 -7.04
C THR A 227 -1.61 -15.98 -7.06
N TRP A 228 -1.05 -15.19 -8.01
CA TRP A 228 -1.33 -13.76 -8.21
C TRP A 228 -1.93 -13.47 -9.59
N TYR A 229 -2.75 -12.40 -9.65
CA TYR A 229 -3.30 -11.79 -10.88
C TYR A 229 -2.97 -10.29 -10.77
N GLY A 230 -2.43 -9.69 -11.83
CA GLY A 230 -2.02 -8.30 -11.87
C GLY A 230 -2.47 -7.53 -13.10
N VAL A 231 -2.74 -6.23 -12.93
CA VAL A 231 -3.20 -5.32 -13.99
C VAL A 231 -2.28 -4.07 -14.02
N PRO A 232 -1.76 -3.62 -15.19
CA PRO A 232 -0.91 -2.41 -15.20
C PRO A 232 -1.62 -1.12 -14.73
N GLY A 233 -0.83 -0.17 -14.23
CA GLY A 233 -1.31 1.13 -13.74
C GLY A 233 -2.09 1.93 -14.76
N TYR A 234 -1.76 1.79 -16.06
CA TYR A 234 -2.44 2.51 -17.14
C TYR A 234 -3.89 2.06 -17.38
N ALA A 235 -4.23 0.80 -16.99
CA ALA A 235 -5.57 0.22 -17.17
C ALA A 235 -6.47 0.30 -15.93
N ALA A 236 -6.04 1.04 -14.88
CA ALA A 236 -6.78 1.22 -13.60
C ALA A 236 -8.24 1.69 -13.75
N GLU A 237 -8.46 2.79 -14.50
CA GLU A 237 -9.80 3.36 -14.71
C GLU A 237 -10.68 2.49 -15.60
N GLN A 238 -10.03 1.74 -16.53
CA GLN A 238 -10.70 0.79 -17.41
C GLN A 238 -11.27 -0.38 -16.55
N LEU A 239 -10.48 -0.89 -15.55
CA LEU A 239 -10.91 -1.97 -14.64
C LEU A 239 -12.07 -1.50 -13.78
N GLU A 240 -11.97 -0.28 -13.21
CA GLU A 240 -12.98 0.35 -12.34
C GLU A 240 -14.34 0.51 -13.03
N ASN A 241 -14.35 0.89 -14.33
CA ASN A 241 -15.58 1.03 -15.12
C ASN A 241 -16.26 -0.32 -15.35
N VAL A 242 -15.47 -1.39 -15.57
CA VAL A 242 -15.99 -2.76 -15.75
C VAL A 242 -16.64 -3.23 -14.45
N MET A 243 -15.97 -2.95 -13.31
CA MET A 243 -16.47 -3.33 -11.99
C MET A 243 -17.70 -2.50 -11.53
N LYS A 244 -17.89 -1.28 -12.06
CA LYS A 244 -19.04 -0.43 -11.73
C LYS A 244 -20.33 -0.94 -12.39
N LYS A 245 -20.22 -1.48 -13.62
CA LYS A 245 -21.35 -2.04 -14.37
C LYS A 245 -21.83 -3.36 -13.77
N LEU A 246 -20.90 -4.27 -13.39
CA LEU A 246 -21.22 -5.59 -12.87
C LEU A 246 -21.43 -5.64 -11.34
N ALA A 247 -20.83 -4.71 -10.58
CA ALA A 247 -20.98 -4.66 -9.11
C ALA A 247 -21.10 -3.18 -8.63
N PRO A 248 -22.27 -2.51 -8.84
CA PRO A 248 -22.39 -1.09 -8.44
C PRO A 248 -22.40 -0.82 -6.93
N GLU A 249 -22.82 -1.83 -6.12
CA GLU A 249 -22.91 -1.77 -4.66
C GLU A 249 -21.57 -1.49 -3.95
N LEU A 250 -20.44 -1.85 -4.60
CA LEU A 250 -19.08 -1.67 -4.11
C LEU A 250 -18.58 -0.22 -4.18
N PHE A 251 -19.19 0.60 -5.06
CA PHE A 251 -18.77 1.98 -5.32
C PHE A 251 -19.48 3.07 -4.48
N VAL A 252 -20.28 2.68 -3.46
CA VAL A 252 -20.97 3.62 -2.58
C VAL A 252 -20.02 4.27 -1.56
N SER A 253 -20.35 5.49 -1.08
CA SER A 253 -19.57 6.26 -0.11
C SER A 253 -19.47 5.56 1.25
N GLN A 254 -18.24 5.46 1.80
CA GLN A 254 -17.97 4.77 3.07
C GLN A 254 -17.67 5.73 4.24
N PRO A 255 -18.02 5.36 5.51
CA PRO A 255 -17.79 6.27 6.64
C PRO A 255 -16.34 6.61 6.96
N ASP A 256 -15.41 5.65 6.76
CA ASP A 256 -13.97 5.81 7.02
C ASP A 256 -13.11 4.80 6.23
N LEU A 257 -11.79 4.75 6.52
CA LEU A 257 -10.81 3.86 5.89
C LEU A 257 -11.01 2.40 6.28
N LEU A 258 -11.53 2.15 7.50
CA LEU A 258 -11.81 0.82 8.05
C LEU A 258 -12.97 0.10 7.33
N HIS A 259 -13.82 0.86 6.61
CA HIS A 259 -15.01 0.34 5.93
C HIS A 259 -14.87 0.19 4.39
N GLN A 260 -13.64 0.06 3.85
CA GLN A 260 -13.37 -0.11 2.41
C GLN A 260 -13.95 -1.44 1.85
N LEU A 261 -14.78 -1.35 0.78
CA LEU A 261 -15.42 -2.50 0.14
C LEU A 261 -14.65 -3.02 -1.08
N VAL A 262 -14.26 -4.31 -1.04
CA VAL A 262 -13.48 -5.01 -2.07
C VAL A 262 -14.17 -6.36 -2.47
N THR A 263 -13.78 -6.98 -3.63
CA THR A 263 -14.41 -8.24 -4.05
C THR A 263 -13.53 -9.17 -4.94
N ILE A 264 -13.99 -10.44 -5.09
CA ILE A 264 -13.41 -11.48 -5.94
C ILE A 264 -14.10 -11.36 -7.32
N MET A 265 -13.32 -11.30 -8.42
CA MET A 265 -13.82 -11.26 -9.81
C MET A 265 -12.87 -12.04 -10.73
N ASN A 266 -13.42 -12.93 -11.56
CA ASN A 266 -12.68 -13.78 -12.50
C ASN A 266 -11.85 -12.93 -13.48
N PRO A 267 -10.51 -13.18 -13.61
CA PRO A 267 -9.73 -12.41 -14.61
C PRO A 267 -10.23 -12.56 -16.06
N ASN A 268 -10.90 -13.70 -16.43
CA ASN A 268 -11.47 -13.89 -17.78
C ASN A 268 -12.59 -12.89 -18.09
N THR A 269 -13.32 -12.41 -17.06
CA THR A 269 -14.37 -11.39 -17.19
C THR A 269 -13.70 -10.05 -17.57
N LEU A 270 -12.55 -9.73 -16.94
CA LEU A 270 -11.79 -8.51 -17.23
C LEU A 270 -11.17 -8.61 -18.64
N MET A 271 -10.62 -9.79 -18.99
CA MET A 271 -10.00 -10.11 -20.29
C MET A 271 -11.00 -9.98 -21.46
N THR A 272 -12.27 -10.38 -21.23
CA THR A 272 -13.39 -10.27 -22.17
C THR A 272 -13.69 -8.77 -22.43
N HIS A 273 -13.54 -7.92 -21.40
CA HIS A 273 -13.79 -6.48 -21.48
C HIS A 273 -12.54 -5.66 -21.86
N GLU A 274 -11.56 -6.35 -22.47
CA GLU A 274 -10.31 -5.79 -23.03
C GLU A 274 -9.37 -5.15 -21.98
N VAL A 275 -9.40 -5.66 -20.72
CA VAL A 275 -8.50 -5.21 -19.66
C VAL A 275 -7.28 -6.16 -19.62
N PRO A 276 -6.01 -5.68 -19.78
CA PRO A 276 -4.86 -6.60 -19.71
C PRO A 276 -4.62 -7.18 -18.32
N VAL A 277 -4.51 -8.51 -18.22
CA VAL A 277 -4.31 -9.27 -16.98
C VAL A 277 -3.14 -10.26 -17.17
N TYR A 278 -2.28 -10.37 -16.14
CA TYR A 278 -1.12 -11.27 -16.08
C TYR A 278 -1.17 -12.08 -14.79
N ARG A 279 -0.58 -13.28 -14.79
CA ARG A 279 -0.55 -14.19 -13.64
C ARG A 279 0.88 -14.62 -13.26
N THR A 280 1.01 -15.26 -12.08
CA THR A 280 2.21 -15.92 -11.57
C THR A 280 1.89 -16.82 -10.39
N ASN A 281 2.72 -17.85 -10.23
CA ASN A 281 2.73 -18.76 -9.09
C ASN A 281 4.02 -18.39 -8.34
N GLN A 282 3.90 -17.70 -7.20
CA GLN A 282 5.05 -17.30 -6.38
C GLN A 282 5.43 -18.46 -5.44
N CYS A 283 6.67 -18.97 -5.57
CA CYS A 283 7.16 -20.08 -4.74
C CYS A 283 8.02 -19.57 -3.58
N ALA A 284 8.29 -20.48 -2.59
CA ALA A 284 9.10 -20.20 -1.39
C ALA A 284 10.50 -19.68 -1.78
N GLY A 285 10.89 -18.54 -1.22
CA GLY A 285 12.16 -17.89 -1.50
C GLY A 285 12.11 -16.89 -2.64
N GLU A 286 10.90 -16.61 -3.18
CA GLU A 286 10.74 -15.64 -4.27
C GLU A 286 10.00 -14.36 -3.81
N PHE A 287 10.29 -13.24 -4.50
CA PHE A 287 9.63 -11.95 -4.25
C PHE A 287 8.68 -11.59 -5.39
N VAL A 288 7.58 -10.89 -5.06
CA VAL A 288 6.62 -10.28 -5.98
C VAL A 288 6.64 -8.77 -5.66
N ILE A 289 6.74 -7.93 -6.69
CA ILE A 289 6.70 -6.47 -6.57
C ILE A 289 5.45 -5.97 -7.32
N THR A 290 4.66 -5.08 -6.69
CA THR A 290 3.49 -4.45 -7.33
C THR A 290 3.87 -2.98 -7.57
N PHE A 291 3.51 -2.46 -8.76
CA PHE A 291 3.87 -1.10 -9.15
C PHE A 291 2.76 -0.07 -8.83
N PRO A 292 3.05 1.26 -8.79
CA PRO A 292 2.00 2.24 -8.47
C PRO A 292 0.72 2.18 -9.32
N ARG A 293 -0.45 2.13 -8.62
CA ARG A 293 -1.81 2.07 -9.17
C ARG A 293 -2.11 0.75 -9.94
N ALA A 294 -1.28 -0.29 -9.69
CA ALA A 294 -1.48 -1.61 -10.28
C ALA A 294 -2.44 -2.51 -9.47
N TYR A 295 -3.64 -2.81 -10.04
CA TYR A 295 -4.62 -3.68 -9.38
C TYR A 295 -4.09 -5.11 -9.28
N HIS A 296 -4.30 -5.76 -8.12
CA HIS A 296 -3.88 -7.14 -7.90
C HIS A 296 -4.84 -7.89 -6.97
N SER A 297 -4.91 -9.22 -7.14
CA SER A 297 -5.71 -10.16 -6.35
C SER A 297 -5.03 -11.53 -6.40
N GLY A 298 -5.55 -12.50 -5.65
CA GLY A 298 -4.99 -13.84 -5.66
C GLY A 298 -5.48 -14.74 -4.54
N PHE A 299 -4.88 -15.94 -4.45
CA PHE A 299 -5.24 -16.95 -3.44
C PHE A 299 -4.04 -17.84 -3.13
N ASN A 300 -4.11 -18.60 -2.03
CA ASN A 300 -3.06 -19.52 -1.63
C ASN A 300 -3.37 -20.96 -2.05
N GLN A 301 -2.33 -21.71 -2.46
CA GLN A 301 -2.39 -23.12 -2.90
C GLN A 301 -2.48 -24.10 -1.71
N GLY A 302 -1.94 -23.69 -0.58
CA GLY A 302 -1.90 -24.48 0.65
C GLY A 302 -1.33 -23.70 1.81
N PHE A 303 -0.90 -24.41 2.88
CA PHE A 303 -0.31 -23.86 4.09
C PHE A 303 1.01 -23.13 3.76
N ASN A 304 1.10 -21.82 4.07
CA ASN A 304 2.27 -21.00 3.77
C ASN A 304 2.43 -19.78 4.72
N PHE A 305 3.57 -19.08 4.63
CA PHE A 305 3.93 -17.92 5.45
C PHE A 305 4.61 -16.84 4.59
N ALA A 306 4.00 -15.65 4.54
CA ALA A 306 4.48 -14.51 3.76
C ALA A 306 4.61 -13.23 4.59
N GLU A 307 5.48 -12.32 4.11
CA GLU A 307 5.78 -11.02 4.72
C GLU A 307 5.79 -9.95 3.64
N ALA A 308 5.17 -8.81 3.93
CA ALA A 308 5.05 -7.70 2.97
C ALA A 308 5.13 -6.31 3.60
N VAL A 309 5.57 -5.34 2.79
CA VAL A 309 5.68 -3.93 3.19
C VAL A 309 5.43 -3.00 1.97
N ASN A 310 4.98 -1.77 2.24
CA ASN A 310 4.79 -0.73 1.21
C ASN A 310 6.06 0.09 1.16
N PHE A 311 6.32 0.76 0.02
CA PHE A 311 7.46 1.68 -0.15
C PHE A 311 7.21 2.69 -1.26
N CYS A 312 7.90 3.83 -1.19
CA CYS A 312 7.79 4.93 -2.13
C CYS A 312 9.17 5.39 -2.61
N THR A 313 9.40 5.39 -3.94
CA THR A 313 10.64 5.83 -4.57
C THR A 313 10.48 7.28 -5.07
N VAL A 314 11.55 7.90 -5.60
CA VAL A 314 11.55 9.25 -6.18
C VAL A 314 10.66 9.33 -7.43
N ASP A 315 10.56 8.23 -8.20
CA ASP A 315 9.73 8.07 -9.40
C ASP A 315 8.22 8.23 -9.06
N TRP A 316 7.83 7.75 -7.85
CA TRP A 316 6.46 7.77 -7.32
C TRP A 316 5.94 9.19 -6.95
N LEU A 317 6.83 10.11 -6.49
CA LEU A 317 6.47 11.47 -6.00
C LEU A 317 5.37 12.23 -6.83
N PRO A 318 5.44 12.37 -8.18
CA PRO A 318 4.34 13.05 -8.90
C PRO A 318 3.01 12.27 -8.87
N LEU A 319 3.08 10.91 -8.83
CA LEU A 319 1.89 10.04 -8.76
C LEU A 319 1.22 10.16 -7.39
N GLY A 320 2.03 10.35 -6.35
CA GLY A 320 1.58 10.55 -4.98
C GLY A 320 0.73 11.79 -4.82
N ARG A 321 1.13 12.90 -5.50
CA ARG A 321 0.40 14.19 -5.54
C ARG A 321 -0.94 14.00 -6.32
N GLN A 322 -0.89 13.30 -7.47
N GLN A 322 -0.89 13.30 -7.47
CA GLN A 322 -2.05 13.01 -8.32
CA GLN A 322 -2.05 13.00 -8.33
C GLN A 322 -3.09 12.14 -7.59
C GLN A 322 -3.09 12.15 -7.56
N CYS A 323 -2.61 11.24 -6.68
CA CYS A 323 -3.46 10.37 -5.86
C CYS A 323 -4.30 11.17 -4.86
N VAL A 324 -3.68 12.12 -4.13
CA VAL A 324 -4.32 12.97 -3.13
C VAL A 324 -5.43 13.85 -3.79
N GLU A 325 -5.18 14.32 -5.02
CA GLU A 325 -6.13 15.08 -5.82
C GLU A 325 -7.34 14.17 -6.18
N HIS A 326 -7.07 12.88 -6.48
CA HIS A 326 -8.08 11.87 -6.80
C HIS A 326 -8.93 11.51 -5.56
N TYR A 327 -8.29 11.43 -4.36
CA TYR A 327 -8.95 11.18 -3.08
C TYR A 327 -9.98 12.31 -2.77
N ARG A 328 -9.57 13.57 -3.03
CA ARG A 328 -10.39 14.78 -2.83
C ARG A 328 -11.69 14.74 -3.66
N LEU A 329 -11.60 14.38 -4.95
CA LEU A 329 -12.75 14.27 -5.87
C LEU A 329 -13.72 13.17 -5.47
N LEU A 330 -13.21 12.10 -4.83
CA LEU A 330 -13.97 10.95 -4.36
C LEU A 330 -14.41 11.06 -2.89
N HIS A 331 -13.93 12.10 -2.15
CA HIS A 331 -14.22 12.33 -0.73
C HIS A 331 -13.65 11.18 0.14
N ARG A 332 -12.45 10.69 -0.18
CA ARG A 332 -11.80 9.61 0.54
C ARG A 332 -10.71 10.10 1.49
N TYR A 333 -10.62 9.47 2.67
CA TYR A 333 -9.63 9.79 3.69
C TYR A 333 -8.20 9.49 3.22
N CYS A 334 -7.23 10.30 3.67
CA CYS A 334 -5.80 10.17 3.39
C CYS A 334 -5.19 9.39 4.56
N VAL A 335 -4.05 8.73 4.34
CA VAL A 335 -3.34 8.03 5.41
C VAL A 335 -2.40 9.06 6.07
N PHE A 336 -1.87 9.98 5.24
CA PHE A 336 -0.97 11.08 5.62
C PHE A 336 -1.12 12.27 4.67
N SER A 337 -0.56 13.43 5.05
CA SER A 337 -0.52 14.64 4.21
C SER A 337 0.74 14.60 3.34
N HIS A 338 0.58 14.61 2.00
CA HIS A 338 1.67 14.60 1.01
C HIS A 338 2.53 15.88 1.13
N ASP A 339 1.87 17.05 1.27
CA ASP A 339 2.52 18.36 1.43
C ASP A 339 3.36 18.45 2.70
N GLU A 340 2.88 17.86 3.80
CA GLU A 340 3.58 17.81 5.08
C GLU A 340 4.90 17.00 4.93
N MET A 341 4.87 15.88 4.18
CA MET A 341 6.03 15.02 3.90
C MET A 341 7.10 15.81 3.10
N ILE A 342 6.67 16.53 2.03
CA ILE A 342 7.50 17.38 1.17
C ILE A 342 8.23 18.47 1.99
N CYS A 343 7.48 19.21 2.84
CA CYS A 343 8.02 20.27 3.70
C CYS A 343 8.96 19.72 4.79
N LYS A 344 8.70 18.49 5.28
CA LYS A 344 9.57 17.83 6.27
C LYS A 344 10.96 17.55 5.65
N MET A 345 10.97 17.01 4.41
CA MET A 345 12.21 16.72 3.67
C MET A 345 12.98 18.02 3.35
N ALA A 346 12.27 19.11 2.94
CA ALA A 346 12.89 20.42 2.66
C ALA A 346 13.58 20.99 3.91
N SER A 347 13.00 20.76 5.10
CA SER A 347 13.57 21.22 6.39
C SER A 347 14.83 20.42 6.80
N LYS A 348 15.10 19.30 6.11
CA LYS A 348 16.26 18.43 6.33
C LYS A 348 17.11 18.35 5.04
N ALA A 349 17.06 19.39 4.16
CA ALA A 349 17.77 19.41 2.88
C ALA A 349 19.27 19.09 2.97
N ASP A 350 19.95 19.59 4.04
CA ASP A 350 21.38 19.40 4.28
C ASP A 350 21.81 17.93 4.50
N VAL A 351 20.90 17.03 4.91
CA VAL A 351 21.24 15.61 5.14
C VAL A 351 20.59 14.62 4.14
N LEU A 352 19.85 15.15 3.15
N LEU A 352 19.85 15.15 3.15
CA LEU A 352 19.16 14.33 2.14
CA LEU A 352 19.13 14.38 2.14
C LEU A 352 20.10 13.83 1.06
C LEU A 352 20.04 13.90 1.01
N ASP A 353 19.71 12.75 0.39
CA ASP A 353 20.44 12.17 -0.75
C ASP A 353 20.25 13.16 -1.91
N VAL A 354 21.29 13.39 -2.71
CA VAL A 354 21.32 14.39 -3.81
C VAL A 354 20.22 14.14 -4.88
N VAL A 355 19.96 12.87 -5.24
CA VAL A 355 18.95 12.49 -6.23
C VAL A 355 17.56 12.78 -5.65
N VAL A 356 17.38 12.47 -4.36
CA VAL A 356 16.16 12.70 -3.61
C VAL A 356 15.87 14.22 -3.52
N ALA A 357 16.88 15.05 -3.17
CA ALA A 357 16.76 16.51 -3.06
C ALA A 357 16.31 17.16 -4.37
N SER A 358 16.87 16.70 -5.51
CA SER A 358 16.54 17.16 -6.86
C SER A 358 15.06 16.89 -7.24
N THR A 359 14.55 15.69 -6.93
CA THR A 359 13.17 15.25 -7.21
C THR A 359 12.15 15.97 -6.29
N VAL A 360 12.47 16.08 -4.98
CA VAL A 360 11.61 16.79 -4.00
C VAL A 360 11.45 18.27 -4.42
N GLN A 361 12.55 18.88 -4.89
CA GLN A 361 12.57 20.27 -5.35
C GLN A 361 11.53 20.53 -6.47
N LYS A 362 11.44 19.60 -7.46
CA LYS A 362 10.51 19.67 -8.59
C LYS A 362 9.04 19.58 -8.14
N ASP A 363 8.71 18.70 -7.16
CA ASP A 363 7.34 18.56 -6.63
C ASP A 363 6.95 19.81 -5.82
N MET A 364 7.93 20.36 -5.05
CA MET A 364 7.74 21.56 -4.23
C MET A 364 7.41 22.80 -5.06
N ALA A 365 8.00 22.93 -6.26
CA ALA A 365 7.75 24.03 -7.21
C ALA A 365 6.29 24.04 -7.67
N ILE A 366 5.71 22.85 -7.94
CA ILE A 366 4.29 22.66 -8.33
C ILE A 366 3.37 23.02 -7.14
N MET A 367 3.69 22.50 -5.94
CA MET A 367 2.95 22.78 -4.70
C MET A 367 2.83 24.30 -4.45
N ILE A 368 3.96 25.05 -4.56
CA ILE A 368 4.01 26.51 -4.31
C ILE A 368 3.14 27.29 -5.32
N GLU A 369 3.25 26.95 -6.62
CA GLU A 369 2.45 27.60 -7.67
C GLU A 369 0.95 27.31 -7.51
N ASP A 370 0.58 26.08 -7.11
CA ASP A 370 -0.84 25.75 -6.87
C ASP A 370 -1.37 26.47 -5.63
N GLU A 371 -0.55 26.59 -4.56
CA GLU A 371 -0.90 27.27 -3.31
C GLU A 371 -1.10 28.78 -3.53
N LYS A 372 -0.24 29.40 -4.35
CA LYS A 372 -0.30 30.81 -4.73
C LYS A 372 -1.65 31.12 -5.43
N ALA A 373 -2.05 30.27 -6.40
CA ALA A 373 -3.31 30.41 -7.16
C ALA A 373 -4.56 30.28 -6.25
N LEU A 374 -4.55 29.29 -5.32
CA LEU A 374 -5.64 29.04 -4.38
C LEU A 374 -5.83 30.19 -3.38
N ARG A 375 -4.72 30.78 -2.86
CA ARG A 375 -4.77 31.91 -1.91
C ARG A 375 -5.34 33.18 -2.55
N GLU A 376 -5.04 33.43 -3.84
CA GLU A 376 -5.54 34.57 -4.62
C GLU A 376 -7.07 34.47 -4.85
N THR A 377 -7.57 33.24 -5.12
CA THR A 377 -8.99 32.93 -5.33
C THR A 377 -9.81 33.17 -4.05
N VAL A 378 -9.32 32.69 -2.87
CA VAL A 378 -10.04 32.86 -1.59
C VAL A 378 -10.02 34.34 -1.15
N ARG A 379 -8.97 35.11 -1.51
CA ARG A 379 -8.91 36.55 -1.22
C ARG A 379 -9.97 37.32 -2.05
N LYS A 380 -10.21 36.89 -3.31
CA LYS A 380 -11.21 37.50 -4.19
C LYS A 380 -12.64 37.20 -3.73
N LEU A 381 -12.81 36.16 -2.88
CA LEU A 381 -14.10 35.76 -2.29
C LEU A 381 -14.46 36.59 -1.03
N GLY A 382 -13.51 37.41 -0.54
CA GLY A 382 -13.71 38.28 0.61
C GLY A 382 -13.09 37.84 1.92
N VAL A 383 -12.21 36.81 1.91
CA VAL A 383 -11.52 36.35 3.13
C VAL A 383 -10.30 37.27 3.29
N ILE A 384 -10.31 38.11 4.32
CA ILE A 384 -9.24 39.08 4.56
C ILE A 384 -8.35 38.72 5.75
N ASP A 385 -8.96 38.35 6.89
CA ASP A 385 -8.20 38.00 8.09
C ASP A 385 -7.42 36.70 7.93
N SER A 386 -6.25 36.61 8.59
CA SER A 386 -5.40 35.43 8.53
C SER A 386 -4.55 35.26 9.80
N GLU A 387 -4.13 34.02 10.09
CA GLU A 387 -3.26 33.70 11.24
C GLU A 387 -2.46 32.43 10.96
N ARG A 388 -1.20 32.39 11.34
CA ARG A 388 -0.37 31.20 11.16
C ARG A 388 -0.81 30.08 12.07
N MET A 389 -0.83 28.85 11.57
CA MET A 389 -1.23 27.69 12.36
C MET A 389 -0.31 26.48 12.15
N ASP A 390 0.11 25.83 13.23
CA ASP A 390 0.98 24.65 13.16
C ASP A 390 0.14 23.38 13.01
N PHE A 391 -0.32 23.13 11.79
CA PHE A 391 -1.19 21.99 11.44
C PHE A 391 -0.67 20.61 11.87
N GLU A 392 0.67 20.40 11.83
CA GLU A 392 1.29 19.11 12.18
C GLU A 392 1.07 18.69 13.64
N LEU A 393 0.71 19.63 14.53
CA LEU A 393 0.44 19.38 15.96
C LEU A 393 -0.98 18.84 16.19
N LEU A 394 -1.89 19.07 15.24
CA LEU A 394 -3.27 18.59 15.41
C LEU A 394 -3.39 17.10 15.07
N PRO A 395 -4.16 16.30 15.85
CA PRO A 395 -4.44 14.91 15.42
C PRO A 395 -5.17 14.97 14.06
N ASP A 396 -4.98 13.95 13.20
CA ASP A 396 -5.56 13.89 11.84
C ASP A 396 -7.06 14.13 11.79
N ASP A 397 -7.84 13.44 12.68
CA ASP A 397 -9.29 13.58 12.75
C ASP A 397 -9.74 15.00 13.15
N GLU A 398 -8.79 15.88 13.55
CA GLU A 398 -9.04 17.28 13.90
C GLU A 398 -8.63 18.27 12.78
N ARG A 399 -8.15 17.79 11.62
CA ARG A 399 -7.76 18.69 10.53
C ARG A 399 -8.18 18.18 9.11
N GLN A 400 -9.36 17.59 9.03
CA GLN A 400 -9.94 17.12 7.77
C GLN A 400 -10.97 18.10 7.23
N CYS A 401 -11.00 18.32 5.89
CA CYS A 401 -12.00 19.17 5.23
C CYS A 401 -13.40 18.55 5.48
N VAL A 402 -14.36 19.37 5.93
CA VAL A 402 -15.76 18.98 6.22
C VAL A 402 -16.43 18.36 4.95
N LYS A 403 -16.06 18.88 3.76
CA LYS A 403 -16.60 18.43 2.48
C LYS A 403 -15.88 17.21 1.86
N CYS A 404 -14.57 17.33 1.53
CA CYS A 404 -13.85 16.30 0.79
C CYS A 404 -13.01 15.33 1.65
N LYS A 405 -12.90 15.58 2.98
CA LYS A 405 -12.17 14.76 3.96
C LYS A 405 -10.63 14.78 3.80
N THR A 406 -10.07 15.71 3.01
CA THR A 406 -8.61 15.82 2.84
C THR A 406 -7.92 16.26 4.16
N THR A 407 -6.70 15.75 4.40
CA THR A 407 -5.90 16.13 5.56
C THR A 407 -5.23 17.47 5.23
N CYS A 408 -5.62 18.53 5.94
CA CYS A 408 -5.09 19.86 5.69
C CYS A 408 -3.68 20.09 6.28
N PHE A 409 -2.82 20.76 5.53
CA PHE A 409 -1.49 21.13 6.01
C PHE A 409 -1.05 22.54 5.63
N MET A 410 -1.01 22.84 4.34
CA MET A 410 -0.61 24.15 3.85
C MET A 410 -1.52 25.29 4.27
N SER A 411 -2.83 25.06 4.21
CA SER A 411 -3.85 26.05 4.60
C SER A 411 -5.27 25.49 4.71
N ALA A 412 -6.15 26.26 5.38
CA ALA A 412 -7.56 25.91 5.61
C ALA A 412 -8.35 27.19 5.99
N ILE A 413 -9.70 27.10 6.01
CA ILE A 413 -10.58 28.19 6.39
C ILE A 413 -11.37 27.83 7.66
N SER A 414 -11.46 28.78 8.62
CA SER A 414 -12.24 28.60 9.84
C SER A 414 -13.19 29.78 10.07
N CYS A 415 -14.24 29.56 10.87
CA CYS A 415 -15.19 30.58 11.30
C CYS A 415 -15.52 30.39 12.78
N SER A 416 -15.64 31.50 13.51
N SER A 416 -15.63 31.49 13.53
CA SER A 416 -15.95 31.53 14.96
CA SER A 416 -15.95 31.48 14.97
C SER A 416 -17.29 30.86 15.31
C SER A 416 -17.28 30.81 15.31
N CYS A 417 -18.25 30.82 14.36
CA CYS A 417 -19.57 30.19 14.54
C CYS A 417 -19.55 28.66 14.56
N LYS A 418 -18.48 28.02 14.01
CA LYS A 418 -18.30 26.56 13.95
C LYS A 418 -16.95 26.21 14.61
N PRO A 419 -16.82 26.25 15.96
CA PRO A 419 -15.51 25.98 16.59
C PRO A 419 -14.95 24.58 16.31
N GLY A 420 -13.70 24.54 15.86
CA GLY A 420 -13.00 23.30 15.56
C GLY A 420 -13.13 22.80 14.12
N LEU A 421 -14.15 23.27 13.37
CA LEU A 421 -14.36 22.82 11.98
C LEU A 421 -13.48 23.55 10.97
N LEU A 422 -13.07 22.84 9.90
CA LEU A 422 -12.21 23.36 8.83
C LEU A 422 -12.68 22.91 7.43
N VAL A 423 -12.38 23.74 6.42
CA VAL A 423 -12.58 23.42 5.00
C VAL A 423 -11.23 23.66 4.29
N CYS A 424 -10.93 22.88 3.22
CA CYS A 424 -9.72 23.12 2.43
C CYS A 424 -10.03 24.33 1.52
N LEU A 425 -9.04 24.88 0.81
CA LEU A 425 -9.26 26.09 0.00
C LEU A 425 -10.13 25.86 -1.26
N HIS A 426 -10.44 24.59 -1.59
CA HIS A 426 -11.33 24.25 -2.70
C HIS A 426 -12.79 24.34 -2.27
N HIS A 427 -13.06 24.22 -0.95
CA HIS A 427 -14.43 24.18 -0.43
C HIS A 427 -14.80 25.31 0.56
N VAL A 428 -14.34 26.55 0.27
CA VAL A 428 -14.60 27.76 1.07
C VAL A 428 -16.12 28.01 1.27
N LYS A 429 -16.94 27.74 0.23
CA LYS A 429 -18.40 27.93 0.27
C LYS A 429 -19.17 26.85 1.07
N GLU A 430 -18.47 25.81 1.59
CA GLU A 430 -19.09 24.67 2.31
C GLU A 430 -19.00 24.70 3.85
N LEU A 431 -18.43 25.76 4.45
CA LEU A 431 -18.26 25.81 5.91
C LEU A 431 -19.53 26.22 6.69
N CYS A 432 -20.11 27.41 6.40
CA CYS A 432 -21.29 27.94 7.09
C CYS A 432 -21.98 29.04 6.27
N SER A 433 -23.06 29.63 6.81
CA SER A 433 -23.86 30.68 6.15
C SER A 433 -23.35 32.12 6.41
N CYS A 434 -22.29 32.29 7.24
CA CYS A 434 -21.70 33.60 7.56
C CYS A 434 -21.09 34.26 6.32
N PRO A 435 -21.05 35.61 6.22
CA PRO A 435 -20.35 36.22 5.07
C PRO A 435 -18.83 36.00 5.19
N PRO A 436 -18.11 35.80 4.06
CA PRO A 436 -16.65 35.49 4.15
C PRO A 436 -15.75 36.48 4.92
N TYR A 437 -16.22 37.71 5.27
CA TYR A 437 -15.38 38.62 6.07
C TYR A 437 -15.21 38.15 7.54
N LYS A 438 -16.06 37.21 7.98
CA LYS A 438 -16.03 36.63 9.34
C LYS A 438 -15.03 35.45 9.41
N TYR A 439 -14.53 34.99 8.24
CA TYR A 439 -13.61 33.86 8.12
C TYR A 439 -12.16 34.23 8.41
N LYS A 440 -11.34 33.21 8.70
CA LYS A 440 -9.92 33.39 8.91
C LYS A 440 -9.18 32.39 8.03
N LEU A 441 -8.13 32.84 7.33
CA LEU A 441 -7.27 31.94 6.58
C LEU A 441 -6.19 31.46 7.56
N ARG A 442 -6.12 30.13 7.81
CA ARG A 442 -5.11 29.51 8.67
C ARG A 442 -4.04 28.95 7.74
N TYR A 443 -2.78 29.31 7.93
CA TYR A 443 -1.70 28.88 7.02
C TYR A 443 -0.46 28.42 7.75
N ARG A 444 0.26 27.41 7.20
CA ARG A 444 1.50 26.95 7.84
C ARG A 444 2.68 27.90 7.58
N TYR A 445 2.87 28.31 6.30
CA TYR A 445 3.97 29.16 5.85
C TYR A 445 3.48 30.28 4.95
N THR A 446 4.22 31.41 4.94
CA THR A 446 3.98 32.51 3.99
C THR A 446 4.78 32.08 2.73
N LEU A 447 4.49 32.70 1.56
CA LEU A 447 5.23 32.41 0.34
C LEU A 447 6.73 32.75 0.50
N ASP A 448 7.05 33.77 1.32
CA ASP A 448 8.40 34.20 1.69
C ASP A 448 9.16 33.15 2.51
N ASP A 449 8.46 32.31 3.29
CA ASP A 449 9.12 31.23 4.06
C ASP A 449 9.46 30.07 3.12
N LEU A 450 8.58 29.80 2.14
CA LEU A 450 8.67 28.66 1.22
C LEU A 450 9.80 28.72 0.18
N TYR A 451 10.06 29.89 -0.43
CA TYR A 451 11.10 30.07 -1.46
C TYR A 451 12.54 29.72 -0.93
N PRO A 452 13.02 30.16 0.29
CA PRO A 452 14.34 29.70 0.76
C PRO A 452 14.43 28.20 1.07
N MET A 453 13.30 27.54 1.45
CA MET A 453 13.22 26.09 1.73
C MET A 453 13.53 25.31 0.44
N MET A 454 12.96 25.76 -0.69
CA MET A 454 13.18 25.15 -2.00
C MET A 454 14.60 25.45 -2.50
N ASN A 455 15.17 26.63 -2.16
CA ASN A 455 16.54 27.01 -2.52
C ASN A 455 17.60 26.14 -1.84
N ALA A 456 17.34 25.70 -0.59
CA ALA A 456 18.21 24.80 0.19
C ALA A 456 18.31 23.46 -0.55
N LEU A 457 17.17 22.95 -1.08
CA LEU A 457 17.09 21.70 -1.85
C LEU A 457 17.91 21.80 -3.14
N LYS A 458 17.81 22.96 -3.84
CA LYS A 458 18.56 23.24 -5.07
C LYS A 458 20.09 23.21 -4.82
N LEU A 459 20.55 23.86 -3.72
CA LEU A 459 21.99 23.87 -3.37
C LEU A 459 22.52 22.46 -3.09
N ARG A 460 21.73 21.63 -2.37
CA ARG A 460 22.04 20.23 -2.06
C ARG A 460 22.09 19.37 -3.34
N ALA A 461 21.13 19.58 -4.27
CA ALA A 461 21.05 18.86 -5.54
C ALA A 461 22.17 19.26 -6.51
N GLU A 462 22.62 20.53 -6.47
CA GLU A 462 23.69 21.03 -7.35
C GLU A 462 25.10 20.68 -6.85
N SER A 463 25.20 20.18 -5.59
CA SER A 463 26.44 19.76 -4.94
C SER A 463 27.01 18.48 -5.59
N TYR A 464 28.24 18.56 -6.11
CA TYR A 464 28.95 17.46 -6.78
C TYR A 464 30.45 17.50 -6.50
ZN ZN B . -12.06 20.12 0.68
ZN ZN C . -19.82 31.08 10.35
MN MN D . -1.76 -5.43 -1.86
MN MN E . -19.82 -20.29 -3.94
C1 FQ5 F . -5.08 -0.75 11.68
N2 FQ5 F . -2.34 -5.28 -0.06
C3 FQ5 F . -3.31 -0.56 10.07
C4 FQ5 F . -3.86 -1.59 9.31
C6 FQ5 F . -3.20 -2.05 8.02
C13 FQ5 F . -2.74 -4.39 0.84
C14 FQ5 F . -2.26 -7.67 -0.15
C15 FQ5 F . -0.97 -8.52 -1.84
C22 FQ5 F . -2.99 -3.56 8.00
O FQ5 F . -1.07 -12.25 0.12
C20 FQ5 F . -1.76 -11.30 0.48
C17 FQ5 F . -1.69 -9.98 -0.12
C16 FQ5 F . -0.96 -9.78 -1.29
N3 FQ5 F . -1.61 -7.48 -1.30
N5 FQ5 F . -2.57 -11.40 1.52
C19 FQ5 F . -3.27 -10.35 2.01
N4 FQ5 F . -3.22 -9.13 1.56
C18 FQ5 F . -2.41 -8.93 0.48
N1 FQ5 F . -2.63 -6.47 0.51
C12 FQ5 F . -3.19 -6.34 1.72
C11 FQ5 F . -3.28 -5.00 1.98
C10 FQ5 F . -3.84 -4.36 3.22
C9 FQ5 F . -2.77 -4.14 4.28
N FQ5 F . -3.28 -3.61 5.55
C8 FQ5 F . -3.36 -2.15 5.52
C7 FQ5 F . -3.99 -1.62 6.80
C21 FQ5 F . -2.42 -4.01 6.66
C5 FQ5 F . -5.02 -2.20 9.75
C FQ5 F . -5.62 -1.77 10.92
CL FQ5 F . -7.08 -2.54 11.43
C2 FQ5 F . -3.91 -0.15 11.24
C1 FQ5 G . 7.51 -10.90 -20.01
N2 FQ5 G . 0.63 -1.78 -26.08
C3 FQ5 G . 5.23 -10.23 -20.37
C4 FQ5 G . 5.65 -9.09 -21.02
C6 FQ5 G . 4.63 -8.12 -21.59
C13 FQ5 G . 1.56 -2.72 -25.95
C14 FQ5 G . -0.42 -0.23 -24.55
C15 FQ5 G . -2.51 0.59 -24.90
C22 FQ5 G . 5.10 -6.66 -21.58
O FQ5 G . -1.55 3.78 -22.29
C20 FQ5 G . -0.75 2.89 -22.57
C17 FQ5 G . -1.04 1.78 -23.46
C16 FQ5 G . -2.29 1.67 -24.07
N3 FQ5 G . -1.60 -0.36 -25.16
N5 FQ5 G . 0.49 2.88 -22.04
C19 FQ5 G . 1.39 1.92 -22.30
N4 FQ5 G . 1.19 0.89 -23.09
C18 FQ5 G . -0.05 0.82 -23.68
N1 FQ5 G . 0.52 -1.25 -24.82
C12 FQ5 G . 1.36 -1.85 -23.96
C11 FQ5 G . 2.06 -2.82 -24.65
C10 FQ5 G . 3.10 -3.75 -24.09
C9 FQ5 G . 2.62 -5.20 -24.00
N FQ5 G . 3.62 -6.12 -23.48
C8 FQ5 G . 3.12 -7.50 -23.47
C7 FQ5 G . 4.17 -8.48 -23.00
C21 FQ5 G . 4.01 -5.75 -22.12
C5 FQ5 G . 7.01 -8.85 -21.17
C FQ5 G . 7.92 -9.76 -20.66
CL FQ5 G . 9.62 -9.46 -20.86
C2 FQ5 G . 6.15 -11.14 -19.87
S DMS H . 1.50 -4.79 2.93
O DMS H . 0.56 -5.91 2.81
C1 DMS H . 1.66 -4.12 1.31
C2 DMS H . 0.57 -3.48 3.66
S DMS I . -8.70 5.24 -5.57
O DMS I . -7.41 5.75 -6.01
C1 DMS I . -8.46 4.30 -4.10
C2 DMS I . -9.52 6.63 -4.84
S DMS J . 7.10 20.10 9.15
O DMS J . 8.25 20.84 8.65
C1 DMS J . 6.07 21.14 9.98
C2 DMS J . 6.20 19.61 7.83
S DMS K . -8.80 25.66 14.41
O DMS K . -8.60 24.44 15.22
C1 DMS K . -10.49 25.61 13.88
C2 DMS K . -8.93 26.99 15.57
S DMS L . -7.48 -6.38 0.87
O DMS L . -6.60 -5.22 0.64
C1 DMS L . -8.24 -6.66 -0.70
C2 DMS L . -6.38 -7.76 0.88
S DMS M . -9.46 -9.64 1.57
O DMS M . -9.89 -10.75 0.71
C1 DMS M . -10.85 -9.31 2.60
C2 DMS M . -8.42 -10.43 2.78
S DMS N . -1.01 34.82 4.36
O DMS N . -1.22 34.26 3.02
C1 DMS N . 0.66 35.41 4.33
C2 DMS N . -1.87 36.37 4.33
S DMS O . -22.81 25.44 4.09
O DMS O . -23.66 26.61 4.28
C1 DMS O . -23.01 24.48 5.57
C2 DMS O . -23.69 24.40 2.97
S DMS P . 3.48 -31.52 3.23
O DMS P . 2.90 -31.40 1.90
C1 DMS P . 5.10 -32.00 3.12
C2 DMS P . 3.69 -29.99 3.90
C1 EDO Q . -4.28 21.58 2.07
O1 EDO Q . -4.12 22.17 3.38
C2 EDO Q . -2.92 21.46 1.33
O2 EDO Q . -1.93 20.81 2.14
C1 EDO R . -0.63 5.19 -14.46
O1 EDO R . 0.61 4.52 -14.38
C2 EDO R . -0.94 5.91 -13.12
O2 EDO R . -2.05 6.78 -13.28
C1 EDO S . -17.12 19.76 -4.79
O1 EDO S . -16.13 19.62 -5.79
C2 EDO S . -17.74 18.39 -4.49
O2 EDO S . -16.70 17.44 -4.36
C1 EDO T . -12.18 18.38 12.02
O1 EDO T . -11.59 17.31 11.28
C2 EDO T . -12.07 19.71 11.22
O2 EDO T . -13.01 19.74 10.15
C1 EDO U . -14.41 -17.72 -20.62
O1 EDO U . -13.86 -18.85 -19.96
C2 EDO U . -15.94 -17.90 -20.74
O2 EDO U . -16.52 -16.72 -21.25
C1 EDO V . -7.40 4.86 0.86
O1 EDO V . -6.82 5.66 1.88
C2 EDO V . -8.62 5.59 0.25
O2 EDO V . -9.17 4.79 -0.78
MN MN W . -1.55 22.13 -2.69
#